data_3L7T
#
_entry.id   3L7T
#
_cell.length_a   47.603
_cell.length_b   72.577
_cell.length_c   86.851
_cell.angle_alpha   90.00
_cell.angle_beta   94.45
_cell.angle_gamma   90.00
#
_symmetry.space_group_name_H-M   'P 1 21 1'
#
loop_
_entity.id
_entity.type
_entity.pdbx_description
1 polymer 'Putative uncharacterized protein'
2 non-polymer 'ZINC ION'
3 water water
#
_entity_poly.entity_id   1
_entity_poly.type   'polypeptide(L)'
_entity_poly.pdbx_seq_one_letter_code
;MKLKAVHHVALIVSDYDKSYEFYVNQLGFEVIRENHRPKRHDYKLDLKCGDIELEIFGNKLTDSNYCAPPERISWPREAC
GLRHLAFYVEDVEASRQELIALGIRVEEVRYDDYTGKKMAFFFDPDGLPLELHE
;
_entity_poly.pdbx_strand_id   A,B,C,D
#
# COMPACT_ATOMS: atom_id res chain seq x y z
N LYS A 2 -3.80 33.68 -0.61
CA LYS A 2 -2.66 34.24 0.19
C LYS A 2 -2.07 33.24 1.20
N LEU A 3 -1.45 32.20 0.66
CA LEU A 3 -0.87 31.17 1.50
C LEU A 3 0.57 31.61 1.81
N LYS A 4 0.76 32.19 2.99
CA LYS A 4 1.90 33.04 3.29
C LYS A 4 3.16 32.22 3.58
N ALA A 5 2.96 31.06 4.20
CA ALA A 5 4.06 30.29 4.75
C ALA A 5 3.47 28.94 5.18
N VAL A 6 4.32 27.96 5.36
CA VAL A 6 3.92 26.73 5.98
C VAL A 6 3.77 26.98 7.48
N HIS A 7 2.68 26.48 8.03
CA HIS A 7 2.44 26.55 9.47
C HIS A 7 3.03 25.33 10.16
N HIS A 8 2.70 24.15 9.62
CA HIS A 8 3.27 22.90 10.16
C HIS A 8 3.22 21.78 9.13
N VAL A 9 4.04 20.75 9.37
CA VAL A 9 4.07 19.55 8.56
C VAL A 9 3.85 18.43 9.55
N ALA A 10 2.97 17.51 9.23
CA ALA A 10 2.62 16.40 10.13
C ALA A 10 3.14 15.11 9.54
N LEU A 11 3.47 14.17 10.42
CA LEU A 11 3.92 12.88 9.95
C LEU A 11 3.48 11.84 10.93
N ILE A 12 3.45 10.62 10.44
CA ILE A 12 3.02 9.45 11.22
C ILE A 12 4.20 8.53 11.46
N VAL A 13 4.30 7.97 12.66
CA VAL A 13 5.40 7.08 13.02
C VAL A 13 4.78 5.79 13.60
N SER A 14 5.49 4.68 13.47
CA SER A 14 4.95 3.39 13.93
C SER A 14 5.15 3.21 15.43
N ASP A 15 6.32 3.60 15.92
CA ASP A 15 6.66 3.36 17.33
C ASP A 15 6.94 4.71 17.98
N TYR A 16 5.97 5.22 18.73
CA TYR A 16 6.07 6.57 19.26
C TYR A 16 7.35 6.80 20.08
N ASP A 17 7.69 5.88 20.99
CA ASP A 17 8.88 6.04 21.82
C ASP A 17 10.16 6.08 21.00
N LYS A 18 10.24 5.25 19.97
CA LYS A 18 11.44 5.14 19.21
C LYS A 18 11.59 6.41 18.35
N SER A 19 10.48 6.93 17.87
CA SER A 19 10.52 8.14 17.03
C SER A 19 10.71 9.40 17.87
N TYR A 20 10.23 9.37 19.11
CA TYR A 20 10.45 10.47 20.03
C TYR A 20 11.95 10.54 20.31
N GLU A 21 12.54 9.40 20.61
CA GLU A 21 14.01 9.32 20.75
C GLU A 21 14.76 9.90 19.53
N PHE A 22 14.37 9.49 18.34
CA PHE A 22 15.03 9.94 17.12
C PHE A 22 14.93 11.46 16.95
N TYR A 23 13.70 11.98 16.89
CA TYR A 23 13.48 13.41 16.63
C TYR A 23 13.95 14.35 17.76
N VAL A 24 13.64 13.98 18.99
CA VAL A 24 13.86 14.88 20.12
C VAL A 24 15.30 14.68 20.64
N ASN A 25 15.71 13.44 20.82
CA ASN A 25 17.04 13.17 21.41
C ASN A 25 18.24 13.08 20.47
N GLN A 26 18.04 12.57 19.27
CA GLN A 26 19.13 12.51 18.30
C GLN A 26 19.20 13.72 17.36
N LEU A 27 18.05 14.19 16.87
CA LEU A 27 18.07 15.31 15.96
C LEU A 27 18.00 16.63 16.72
N GLY A 28 17.64 16.54 18.00
CA GLY A 28 17.65 17.71 18.89
C GLY A 28 16.54 18.74 18.72
N PHE A 29 15.42 18.36 18.09
CA PHE A 29 14.29 19.30 18.01
C PHE A 29 13.69 19.65 19.39
N GLU A 30 13.43 20.93 19.61
CA GLU A 30 12.73 21.36 20.82
C GLU A 30 11.27 20.89 20.85
N VAL A 31 10.83 20.32 21.98
CA VAL A 31 9.42 19.99 22.17
C VAL A 31 8.60 21.23 22.54
N ILE A 32 7.59 21.52 21.75
CA ILE A 32 6.65 22.58 22.08
C ILE A 32 5.56 22.08 23.02
N ARG A 33 4.88 21.01 22.60
CA ARG A 33 3.78 20.41 23.36
C ARG A 33 3.85 18.92 23.14
N GLU A 34 3.18 18.19 24.02
CA GLU A 34 2.94 16.78 23.83
C GLU A 34 1.62 16.41 24.48
N ASN A 35 0.72 15.84 23.70
CA ASN A 35 -0.63 15.54 24.17
C ASN A 35 -1.09 14.16 23.78
N HIS A 36 -1.81 13.50 24.66
CA HIS A 36 -2.32 12.17 24.38
C HIS A 36 -3.86 12.19 24.43
N ARG A 37 -4.49 11.80 23.34
CA ARG A 37 -5.93 11.70 23.27
C ARG A 37 -6.28 10.38 22.67
N PRO A 38 -6.41 9.38 23.51
CA PRO A 38 -6.58 8.01 23.09
C PRO A 38 -7.61 7.90 22.02
N LYS A 39 -7.21 7.20 20.97
CA LYS A 39 -8.01 7.08 19.78
C LYS A 39 -8.18 8.36 18.95
N ARG A 40 -8.75 9.40 19.52
CA ARG A 40 -8.87 10.59 18.74
C ARG A 40 -7.60 10.81 17.93
N HIS A 41 -6.49 11.00 18.59
CA HIS A 41 -5.23 11.17 17.85
C HIS A 41 -4.02 10.53 18.52
N ASP A 42 -4.27 9.63 19.48
CA ASP A 42 -3.16 9.02 20.23
C ASP A 42 -2.16 10.09 20.66
N TYR A 43 -0.85 9.88 20.46
CA TYR A 43 0.12 10.88 20.92
C TYR A 43 0.40 11.84 19.79
N LYS A 44 0.32 13.13 20.12
CA LYS A 44 0.65 14.17 19.17
C LYS A 44 1.76 15.01 19.77
N LEU A 45 2.91 14.95 19.12
CA LEU A 45 4.13 15.55 19.62
C LEU A 45 4.45 16.72 18.68
N ASP A 46 4.45 17.93 19.23
CA ASP A 46 4.68 19.13 18.41
C ASP A 46 6.09 19.67 18.63
N LEU A 47 6.87 19.73 17.54
CA LEU A 47 8.28 20.10 17.61
C LEU A 47 8.56 21.41 16.91
N LYS A 48 9.51 22.19 17.43
CA LYS A 48 9.85 23.42 16.77
C LYS A 48 10.95 23.26 15.73
N CYS A 49 10.73 23.81 14.55
CA CYS A 49 11.80 23.90 13.55
C CYS A 49 11.83 25.29 12.90
N GLY A 50 12.57 26.22 13.51
CA GLY A 50 12.45 27.63 13.16
C GLY A 50 10.99 28.06 13.21
N ASP A 51 10.45 28.62 12.13
CA ASP A 51 9.08 29.14 12.16
C ASP A 51 8.00 28.13 11.84
N ILE A 52 8.35 26.86 11.71
CA ILE A 52 7.37 25.88 11.28
C ILE A 52 7.33 24.85 12.41
N GLU A 53 6.18 24.28 12.69
CA GLU A 53 6.15 23.14 13.61
C GLU A 53 6.19 21.80 12.85
N LEU A 54 6.75 20.78 13.46
CA LEU A 54 6.59 19.40 12.97
C LEU A 54 5.66 18.69 13.93
N GLU A 55 4.57 18.12 13.42
CA GLU A 55 3.60 17.45 14.28
C GLU A 55 3.80 15.96 14.11
N ILE A 56 4.28 15.29 15.13
CA ILE A 56 4.49 13.85 15.04
C ILE A 56 3.30 13.11 15.67
N PHE A 57 2.70 12.20 14.91
CA PHE A 57 1.56 11.43 15.42
C PHE A 57 1.96 9.98 15.50
N GLY A 58 1.67 9.34 16.61
CA GLY A 58 1.93 7.89 16.65
C GLY A 58 1.37 7.38 17.93
N ASN A 59 1.59 6.10 18.16
CA ASN A 59 1.11 5.48 19.37
C ASN A 59 2.22 4.58 19.93
N LYS A 60 2.18 4.34 21.24
CA LYS A 60 3.25 3.62 21.92
C LYS A 60 2.88 2.14 21.83
N LEU A 61 3.88 1.26 21.72
CA LEU A 61 3.62 -0.17 21.49
C LEU A 61 2.95 -0.80 22.71
N THR A 62 3.15 -0.18 23.86
CA THR A 62 2.57 -0.62 25.12
C THR A 62 1.13 -0.17 25.29
N ASP A 63 0.67 0.80 24.49
CA ASP A 63 -0.71 1.28 24.58
C ASP A 63 -1.67 0.12 24.36
N SER A 64 -2.76 0.11 25.12
CA SER A 64 -3.66 -1.04 25.09
C SER A 64 -4.42 -1.17 23.77
N ASN A 65 -4.49 -0.08 23.01
CA ASN A 65 -5.15 -0.10 21.70
C ASN A 65 -4.20 0.15 20.51
N TYR A 66 -2.97 -0.30 20.65
CA TYR A 66 -1.97 -0.17 19.59
C TYR A 66 -2.34 -0.90 18.29
N CYS A 67 -2.31 -0.17 17.18
CA CYS A 67 -2.47 -0.78 15.86
C CYS A 67 -1.40 -0.15 14.98
N ALA A 68 -0.43 -0.95 14.53
CA ALA A 68 0.66 -0.39 13.74
C ALA A 68 0.12 0.20 12.43
N PRO A 69 0.57 1.43 12.07
CA PRO A 69 0.14 1.92 10.75
C PRO A 69 0.87 1.19 9.62
N PRO A 70 0.32 1.26 8.38
CA PRO A 70 1.04 0.62 7.29
C PRO A 70 2.43 1.22 7.09
N GLU A 71 3.32 0.45 6.48
CA GLU A 71 4.64 0.93 6.13
C GLU A 71 4.54 1.93 4.98
N ARG A 72 5.44 2.90 5.02
CA ARG A 72 5.61 3.84 3.92
C ARG A 72 5.93 3.04 2.67
N ILE A 73 5.33 3.41 1.57
CA ILE A 73 5.66 2.77 0.28
C ILE A 73 6.87 3.49 -0.29
N SER A 74 7.94 2.74 -0.54
CA SER A 74 9.16 3.31 -1.10
C SER A 74 9.59 2.67 -2.44
N TRP A 75 9.09 1.47 -2.75
CA TRP A 75 9.55 0.73 -3.94
C TRP A 75 8.38 -0.05 -4.53
N PRO A 76 8.31 -0.15 -5.87
CA PRO A 76 9.16 0.49 -6.88
C PRO A 76 8.88 2.00 -7.03
N ARG A 77 7.68 2.44 -6.68
CA ARG A 77 7.27 3.85 -6.88
C ARG A 77 6.69 4.34 -5.53
N GLU A 78 7.14 5.50 -5.06
CA GLU A 78 6.53 6.13 -3.90
C GLU A 78 5.09 6.52 -4.25
N ALA A 79 4.22 6.57 -3.25
CA ALA A 79 2.82 6.93 -3.45
C ALA A 79 2.69 8.44 -3.68
N CYS A 80 1.54 8.83 -4.22
CA CYS A 80 1.11 10.22 -4.19
C CYS A 80 1.15 10.74 -2.77
N GLY A 81 1.41 12.05 -2.65
CA GLY A 81 1.28 12.72 -1.37
C GLY A 81 2.63 13.26 -0.93
N LEU A 82 2.75 13.60 0.34
CA LEU A 82 4.02 14.14 0.78
C LEU A 82 5.14 13.13 0.84
N ARG A 83 6.28 13.51 0.29
CA ARG A 83 7.34 12.58 -0.06
C ARG A 83 8.47 12.63 0.95
N HIS A 84 9.14 13.78 1.05
CA HIS A 84 10.26 13.95 1.96
C HIS A 84 10.38 15.40 2.41
N LEU A 85 11.26 15.62 3.37
CA LEU A 85 11.40 16.88 4.04
C LEU A 85 12.87 17.17 4.14
N ALA A 86 13.26 18.40 3.83
CA ALA A 86 14.65 18.76 3.85
C ALA A 86 14.87 19.88 4.82
N PHE A 87 16.02 19.88 5.49
CA PHE A 87 16.35 20.91 6.47
C PHE A 87 17.56 21.67 6.00
N TYR A 88 17.55 22.98 6.23
CA TYR A 88 18.74 23.80 6.06
C TYR A 88 19.78 23.58 7.17
N VAL A 89 21.01 23.30 6.76
CA VAL A 89 22.17 23.31 7.68
C VAL A 89 23.32 24.13 7.11
N GLU A 90 24.13 24.74 7.97
CA GLU A 90 25.27 25.53 7.47
C GLU A 90 26.32 24.64 6.78
N ASP A 91 26.53 23.45 7.32
CA ASP A 91 27.64 22.60 6.91
C ASP A 91 27.14 21.15 6.80
N VAL A 92 26.78 20.74 5.60
CA VAL A 92 26.28 19.36 5.35
C VAL A 92 27.33 18.30 5.73
N GLU A 93 28.59 18.60 5.42
CA GLU A 93 29.66 17.65 5.64
C GLU A 93 29.75 17.28 7.11
N ALA A 94 29.80 18.31 7.94
CA ALA A 94 29.91 18.17 9.37
C ALA A 94 28.64 17.56 9.97
N SER A 95 27.48 18.09 9.58
CA SER A 95 26.20 17.57 10.03
C SER A 95 26.07 16.10 9.74
N ARG A 96 26.46 15.70 8.53
CA ARG A 96 26.52 14.27 8.18
C ARG A 96 27.44 13.48 9.10
N GLN A 97 28.63 14.01 9.36
CA GLN A 97 29.56 13.41 10.33
C GLN A 97 28.86 13.14 11.65
N GLU A 98 28.27 14.18 12.22
CA GLU A 98 27.67 14.11 13.55
C GLU A 98 26.59 13.04 13.58
N LEU A 99 25.78 13.01 12.52
CA LEU A 99 24.71 12.04 12.41
C LEU A 99 25.25 10.63 12.42
N ILE A 100 26.27 10.38 11.59
CA ILE A 100 26.83 9.04 11.57
C ILE A 100 27.36 8.68 12.95
N ALA A 101 27.92 9.66 13.65
CA ALA A 101 28.51 9.48 14.99
C ALA A 101 27.42 9.14 16.00
N LEU A 102 26.18 9.56 15.71
CA LEU A 102 25.04 9.24 16.56
C LEU A 102 24.49 7.87 16.25
N GLY A 103 24.95 7.30 15.14
CA GLY A 103 24.50 5.98 14.72
C GLY A 103 23.36 6.06 13.72
N ILE A 104 23.22 7.21 13.07
CA ILE A 104 22.25 7.38 11.98
C ILE A 104 22.98 7.30 10.64
N ARG A 105 22.57 6.40 9.76
CA ARG A 105 23.25 6.23 8.47
C ARG A 105 22.90 7.39 7.53
N VAL A 106 23.93 8.02 6.99
CA VAL A 106 23.72 9.11 6.04
C VAL A 106 24.36 8.77 4.70
N GLU A 107 23.57 8.83 3.64
CA GLU A 107 24.11 8.56 2.30
C GLU A 107 25.14 9.61 1.88
N GLU A 108 25.95 9.28 0.88
CA GLU A 108 27.05 10.16 0.47
C GLU A 108 26.54 11.56 0.22
N VAL A 109 27.41 12.52 0.45
CA VAL A 109 27.14 13.89 0.07
C VAL A 109 27.05 14.01 -1.45
N ARG A 110 25.93 14.55 -1.93
CA ARG A 110 25.79 14.90 -3.33
C ARG A 110 25.48 16.37 -3.49
N TYR A 111 25.41 16.83 -4.72
CA TYR A 111 25.24 18.23 -4.99
C TYR A 111 23.88 18.48 -5.64
N ASP A 112 23.22 19.55 -5.26
CA ASP A 112 21.89 19.86 -5.78
C ASP A 112 22.00 20.06 -7.27
N ASP A 113 21.04 19.54 -7.99
CA ASP A 113 21.15 19.55 -9.40
C ASP A 113 20.95 20.90 -10.04
N TYR A 114 20.20 21.74 -9.39
CA TYR A 114 19.77 22.99 -9.93
C TYR A 114 20.29 24.16 -9.14
N THR A 115 21.19 23.84 -8.24
CA THR A 115 22.18 24.69 -7.67
C THR A 115 23.24 23.68 -7.52
N GLY A 116 24.37 24.02 -7.01
CA GLY A 116 25.34 22.97 -6.84
C GLY A 116 25.61 22.76 -5.38
N LYS A 117 24.67 23.12 -4.55
CA LYS A 117 24.83 23.14 -3.09
C LYS A 117 24.81 21.73 -2.52
N LYS A 118 25.69 21.46 -1.57
CA LYS A 118 25.77 20.13 -0.95
C LYS A 118 24.48 19.71 -0.25
N MET A 119 24.21 18.41 -0.26
CA MET A 119 23.02 17.90 0.42
C MET A 119 23.28 16.43 0.69
N ALA A 120 22.51 15.83 1.61
CA ALA A 120 22.68 14.41 1.89
C ALA A 120 21.37 13.89 2.50
N PHE A 121 20.94 12.71 2.07
CA PHE A 121 19.79 12.02 2.68
C PHE A 121 20.13 11.11 3.85
N PHE A 122 19.23 11.12 4.81
CA PHE A 122 19.21 10.12 5.89
C PHE A 122 17.75 9.73 6.08
N PHE A 123 17.45 8.86 7.03
CA PHE A 123 16.09 8.32 7.15
C PHE A 123 15.63 8.24 8.60
N ASP A 124 14.34 8.41 8.83
CA ASP A 124 13.79 8.26 10.16
C ASP A 124 13.53 6.77 10.38
N PRO A 125 13.20 6.39 11.62
CA PRO A 125 13.03 4.98 11.94
C PRO A 125 12.01 4.24 11.06
N ASP A 126 11.09 4.97 10.44
CA ASP A 126 10.07 4.39 9.55
C ASP A 126 10.39 4.61 8.07
N GLY A 127 11.66 4.93 7.80
CA GLY A 127 12.18 5.08 6.44
C GLY A 127 11.76 6.38 5.74
N LEU A 128 11.31 7.35 6.52
CA LEU A 128 10.91 8.65 5.92
C LEU A 128 12.21 9.34 5.46
N PRO A 129 12.33 9.67 4.16
CA PRO A 129 13.58 10.34 3.75
C PRO A 129 13.65 11.80 4.26
N LEU A 130 14.75 12.13 4.91
CA LEU A 130 15.03 13.46 5.42
C LEU A 130 16.34 13.92 4.79
N GLU A 131 16.49 15.22 4.61
CA GLU A 131 17.60 15.68 3.78
C GLU A 131 18.25 16.85 4.47
N LEU A 132 19.59 16.86 4.51
CA LEU A 132 20.38 18.03 4.95
C LEU A 132 20.73 18.82 3.70
N HIS A 133 20.64 20.14 3.76
CA HIS A 133 20.83 20.92 2.53
C HIS A 133 21.45 22.26 2.87
N GLU A 134 22.48 22.64 2.12
CA GLU A 134 23.16 23.91 2.33
C GLU A 134 22.50 25.05 1.56
N LYS B 2 -24.18 -25.52 -6.01
CA LYS B 2 -23.80 -24.09 -5.92
C LYS B 2 -22.40 -23.87 -6.47
N LEU B 3 -21.55 -23.18 -5.69
CA LEU B 3 -20.16 -22.95 -6.10
C LEU B 3 -19.38 -24.23 -5.85
N LYS B 4 -19.26 -25.05 -6.90
CA LYS B 4 -18.89 -26.46 -6.76
C LYS B 4 -17.41 -26.60 -6.44
N ALA B 5 -16.61 -25.78 -7.09
CA ALA B 5 -15.18 -26.05 -7.18
C ALA B 5 -14.52 -24.78 -7.66
N VAL B 6 -13.22 -24.69 -7.40
CA VAL B 6 -12.48 -23.56 -7.89
C VAL B 6 -12.16 -23.86 -9.32
N HIS B 7 -12.27 -22.84 -10.16
CA HIS B 7 -11.92 -22.96 -11.56
C HIS B 7 -10.49 -22.52 -11.78
N HIS B 8 -10.15 -21.36 -11.23
CA HIS B 8 -8.78 -20.88 -11.34
C HIS B 8 -8.47 -19.87 -10.26
N VAL B 9 -7.18 -19.74 -9.97
CA VAL B 9 -6.68 -18.67 -9.07
C VAL B 9 -5.75 -17.82 -9.90
N ALA B 10 -5.90 -16.49 -9.84
CA ALA B 10 -5.03 -15.61 -10.61
C ALA B 10 -4.07 -14.92 -9.67
N LEU B 11 -2.90 -14.62 -10.19
CA LEU B 11 -1.89 -13.86 -9.48
C LEU B 11 -1.14 -12.87 -10.38
N ILE B 12 -0.60 -11.83 -9.75
CA ILE B 12 0.15 -10.80 -10.49
C ILE B 12 1.62 -10.86 -10.15
N VAL B 13 2.49 -10.69 -11.14
CA VAL B 13 3.93 -10.78 -10.91
C VAL B 13 4.57 -9.50 -11.46
N SER B 14 5.75 -9.13 -10.96
CA SER B 14 6.44 -7.92 -11.41
C SER B 14 7.32 -8.17 -12.63
N ASP B 15 8.14 -9.21 -12.56
CA ASP B 15 9.05 -9.58 -13.65
C ASP B 15 8.56 -10.86 -14.34
N TYR B 16 7.78 -10.71 -15.39
CA TYR B 16 7.19 -11.87 -16.07
C TYR B 16 8.20 -12.98 -16.42
N ASP B 17 9.33 -12.65 -17.04
CA ASP B 17 10.36 -13.66 -17.31
C ASP B 17 10.85 -14.40 -16.08
N LYS B 18 11.17 -13.67 -15.00
CA LYS B 18 11.65 -14.33 -13.79
C LYS B 18 10.57 -15.25 -13.16
N SER B 19 9.31 -14.84 -13.26
CA SER B 19 8.26 -15.63 -12.63
C SER B 19 7.88 -16.80 -13.54
N TYR B 20 8.11 -16.64 -14.84
CA TYR B 20 7.98 -17.78 -15.74
C TYR B 20 9.01 -18.86 -15.38
N GLU B 21 10.25 -18.43 -15.14
CA GLU B 21 11.34 -19.34 -14.75
C GLU B 21 11.01 -20.08 -13.46
N PHE B 22 10.47 -19.33 -12.50
CA PHE B 22 10.05 -19.89 -11.22
C PHE B 22 8.87 -20.88 -11.36
N TYR B 23 7.74 -20.41 -11.88
CA TYR B 23 6.53 -21.26 -11.91
C TYR B 23 6.62 -22.42 -12.90
N VAL B 24 7.14 -22.12 -14.10
CA VAL B 24 7.20 -23.13 -15.17
C VAL B 24 8.44 -24.00 -15.10
N ASN B 25 9.61 -23.38 -15.04
CA ASN B 25 10.88 -24.10 -15.13
C ASN B 25 11.36 -24.69 -13.79
N GLN B 26 11.15 -23.96 -12.70
CA GLN B 26 11.48 -24.53 -11.39
C GLN B 26 10.35 -25.38 -10.75
N LEU B 27 9.17 -24.82 -10.60
CA LEU B 27 8.10 -25.52 -9.90
C LEU B 27 7.48 -26.57 -10.81
N GLY B 28 7.73 -26.45 -12.12
CA GLY B 28 7.39 -27.49 -13.09
C GLY B 28 5.94 -27.54 -13.51
N PHE B 29 5.20 -26.46 -13.31
CA PHE B 29 3.81 -26.43 -13.77
C PHE B 29 3.75 -26.51 -15.29
N GLU B 30 2.86 -27.37 -15.76
CA GLU B 30 2.50 -27.46 -17.16
C GLU B 30 1.80 -26.21 -17.70
N VAL B 31 2.32 -25.68 -18.79
CA VAL B 31 1.71 -24.57 -19.47
C VAL B 31 0.52 -25.00 -20.33
N ILE B 32 -0.67 -24.50 -20.00
CA ILE B 32 -1.86 -24.73 -20.80
C ILE B 32 -1.89 -23.78 -21.97
N ARG B 33 -1.74 -22.48 -21.70
CA ARG B 33 -1.68 -21.44 -22.72
C ARG B 33 -0.70 -20.38 -22.24
N GLU B 34 -0.13 -19.67 -23.20
CA GLU B 34 0.55 -18.42 -22.94
C GLU B 34 0.14 -17.43 -24.01
N ASN B 35 -0.46 -16.32 -23.61
CA ASN B 35 -0.91 -15.30 -24.56
C ASN B 35 -0.33 -13.94 -24.23
N HIS B 36 0.50 -13.40 -25.13
CA HIS B 36 0.82 -11.97 -25.10
C HIS B 36 -0.41 -11.17 -25.52
N ARG B 37 -0.71 -10.12 -24.78
CA ARG B 37 -1.86 -9.26 -25.04
C ARG B 37 -1.36 -7.85 -25.32
N PRO B 38 -1.00 -7.58 -26.59
CA PRO B 38 -0.32 -6.34 -26.98
C PRO B 38 -1.07 -5.10 -26.46
N LYS B 39 -2.39 -5.20 -26.39
CA LYS B 39 -3.23 -4.08 -25.96
C LYS B 39 -2.91 -3.63 -24.54
N ARG B 40 -2.77 -4.60 -23.62
CA ARG B 40 -2.49 -4.27 -22.21
C ARG B 40 -1.00 -4.39 -21.88
N HIS B 41 -0.17 -4.58 -22.89
CA HIS B 41 1.28 -4.63 -22.69
C HIS B 41 1.57 -5.56 -21.49
N ASP B 42 1.02 -6.76 -21.57
CA ASP B 42 1.23 -7.77 -20.54
C ASP B 42 1.04 -9.15 -21.14
N TYR B 43 1.23 -10.18 -20.32
CA TYR B 43 1.17 -11.56 -20.76
C TYR B 43 0.22 -12.27 -19.79
N LYS B 44 -0.54 -13.23 -20.29
CA LYS B 44 -1.38 -14.03 -19.43
C LYS B 44 -1.01 -15.50 -19.59
N LEU B 45 -0.55 -16.10 -18.51
CA LEU B 45 0.04 -17.43 -18.55
C LEU B 45 -0.80 -18.37 -17.71
N ASP B 46 -1.32 -19.42 -18.33
CA ASP B 46 -2.24 -20.32 -17.66
C ASP B 46 -1.54 -21.67 -17.42
N LEU B 47 -1.50 -22.08 -16.16
CA LEU B 47 -0.76 -23.25 -15.75
C LEU B 47 -1.72 -24.26 -15.16
N LYS B 48 -1.40 -25.53 -15.32
CA LYS B 48 -2.26 -26.57 -14.79
C LYS B 48 -1.79 -27.00 -13.42
N CYS B 49 -2.72 -27.01 -12.47
CA CYS B 49 -2.43 -27.55 -11.16
C CYS B 49 -3.58 -28.44 -10.75
N GLY B 50 -3.48 -29.73 -11.09
CA GLY B 50 -4.61 -30.61 -10.89
C GLY B 50 -5.78 -30.07 -11.68
N ASP B 51 -6.94 -30.06 -11.05
CA ASP B 51 -8.14 -29.68 -11.79
C ASP B 51 -8.36 -28.19 -11.76
N ILE B 52 -7.41 -27.41 -11.24
CA ILE B 52 -7.58 -25.95 -11.31
C ILE B 52 -6.47 -25.30 -12.12
N GLU B 53 -6.70 -24.09 -12.61
CA GLU B 53 -5.67 -23.42 -13.38
C GLU B 53 -5.10 -22.34 -12.48
N LEU B 54 -3.82 -22.02 -12.67
CA LEU B 54 -3.23 -20.83 -12.08
C LEU B 54 -3.01 -19.86 -13.24
N GLU B 55 -3.48 -18.62 -13.08
CA GLU B 55 -3.44 -17.62 -14.14
C GLU B 55 -2.46 -16.54 -13.71
N ILE B 56 -1.35 -16.42 -14.42
CA ILE B 56 -0.29 -15.54 -14.03
C ILE B 56 -0.28 -14.37 -15.00
N PHE B 57 -0.35 -13.15 -14.45
CA PHE B 57 -0.42 -11.91 -15.22
C PHE B 57 0.84 -11.09 -14.91
N GLY B 58 1.56 -10.60 -15.92
CA GLY B 58 2.77 -9.83 -15.67
C GLY B 58 3.30 -9.26 -16.97
N ASN B 59 4.29 -8.37 -16.88
CA ASN B 59 4.98 -7.81 -18.06
C ASN B 59 6.49 -8.04 -17.94
N LYS B 60 7.19 -8.07 -19.09
CA LYS B 60 8.64 -8.27 -19.11
C LYS B 60 9.39 -6.96 -18.88
N LEU B 61 10.50 -7.01 -18.14
CA LEU B 61 11.23 -5.79 -17.76
C LEU B 61 11.73 -5.08 -19.00
N THR B 62 12.13 -5.88 -19.98
CA THR B 62 12.64 -5.40 -21.27
C THR B 62 11.53 -4.84 -22.17
N ASP B 63 10.29 -4.89 -21.69
CA ASP B 63 9.18 -4.47 -22.55
C ASP B 63 9.25 -2.97 -22.74
N SER B 64 8.86 -2.50 -23.91
CA SER B 64 8.89 -1.07 -24.18
C SER B 64 7.88 -0.26 -23.36
N ASN B 65 6.88 -0.94 -22.78
CA ASN B 65 5.83 -0.24 -22.01
C ASN B 65 5.67 -0.69 -20.56
N TYR B 66 6.80 -0.93 -19.90
CA TYR B 66 6.78 -1.61 -18.61
C TYR B 66 6.50 -0.61 -17.47
N CYS B 67 5.39 -0.80 -16.74
CA CYS B 67 5.16 -0.18 -15.41
C CYS B 67 5.09 -1.25 -14.30
N ALA B 68 6.07 -1.28 -13.40
CA ALA B 68 6.04 -2.22 -12.27
C ALA B 68 4.79 -2.12 -11.36
N PRO B 69 4.15 -3.26 -11.05
CA PRO B 69 3.06 -3.21 -10.07
C PRO B 69 3.61 -2.89 -8.69
N PRO B 70 2.76 -2.38 -7.80
CA PRO B 70 3.16 -2.19 -6.39
C PRO B 70 3.56 -3.50 -5.76
N GLU B 71 4.40 -3.43 -4.73
CA GLU B 71 4.85 -4.63 -4.03
C GLU B 71 3.69 -5.15 -3.21
N ARG B 72 3.67 -6.46 -3.00
CA ARG B 72 2.73 -7.08 -2.04
C ARG B 72 2.97 -6.47 -0.68
N ILE B 73 1.89 -6.20 0.03
CA ILE B 73 1.97 -5.75 1.42
C ILE B 73 2.13 -6.94 2.34
N SER B 74 3.23 -6.96 3.09
CA SER B 74 3.59 -8.10 3.91
C SER B 74 3.73 -7.79 5.40
N TRP B 75 4.05 -6.55 5.73
CA TRP B 75 4.34 -6.13 7.10
C TRP B 75 3.92 -4.67 7.29
N PRO B 76 3.39 -4.31 8.48
CA PRO B 76 3.11 -5.18 9.62
C PRO B 76 1.91 -6.13 9.42
N ARG B 77 1.01 -5.77 8.51
CA ARG B 77 -0.25 -6.50 8.27
C ARG B 77 -0.40 -6.72 6.78
N GLU B 78 -0.74 -7.94 6.36
CA GLU B 78 -1.20 -8.14 4.99
C GLU B 78 -2.54 -7.45 4.74
N ALA B 79 -2.80 -7.08 3.49
CA ALA B 79 -4.04 -6.40 3.11
C ALA B 79 -5.18 -7.40 3.05
N CYS B 80 -6.39 -6.88 3.02
CA CYS B 80 -7.54 -7.66 2.56
C CYS B 80 -7.33 -8.26 1.19
N GLY B 81 -7.91 -9.44 1.01
CA GLY B 81 -7.99 -10.13 -0.26
C GLY B 81 -7.23 -11.46 -0.18
N LEU B 82 -6.94 -12.03 -1.33
CA LEU B 82 -6.21 -13.31 -1.33
C LEU B 82 -4.82 -13.19 -0.72
N ARG B 83 -4.50 -14.11 0.17
CA ARG B 83 -3.34 -14.01 1.02
C ARG B 83 -2.25 -14.93 0.51
N HIS B 84 -2.51 -16.23 0.49
CA HIS B 84 -1.49 -17.22 0.13
C HIS B 84 -2.11 -18.49 -0.43
N LEU B 85 -1.27 -19.35 -0.99
CA LEU B 85 -1.75 -20.51 -1.74
C LEU B 85 -0.93 -21.71 -1.28
N ALA B 86 -1.61 -22.81 -0.97
CA ALA B 86 -0.97 -24.00 -0.42
C ALA B 86 -1.18 -25.13 -1.37
N PHE B 87 -0.09 -25.83 -1.68
CA PHE B 87 -0.15 -27.00 -2.57
C PHE B 87 -0.16 -28.29 -1.77
N TYR B 88 -0.93 -29.27 -2.23
CA TYR B 88 -0.94 -30.55 -1.54
C TYR B 88 0.20 -31.43 -2.07
N VAL B 89 1.02 -31.96 -1.17
CA VAL B 89 2.07 -32.93 -1.59
C VAL B 89 2.03 -34.16 -0.72
N GLU B 90 2.53 -35.25 -1.27
CA GLU B 90 2.58 -36.52 -0.53
C GLU B 90 3.60 -36.44 0.62
N ASP B 91 4.72 -35.77 0.36
CA ASP B 91 5.84 -35.76 1.29
C ASP B 91 6.46 -34.36 1.37
N VAL B 92 6.23 -33.64 2.48
CA VAL B 92 6.62 -32.22 2.57
C VAL B 92 8.14 -32.11 2.67
N GLU B 93 8.74 -33.02 3.40
CA GLU B 93 10.19 -33.04 3.51
C GLU B 93 10.86 -33.33 2.17
N ALA B 94 10.38 -34.34 1.44
CA ALA B 94 10.94 -34.61 0.12
C ALA B 94 10.76 -33.46 -0.87
N SER B 95 9.58 -32.83 -0.86
CA SER B 95 9.30 -31.72 -1.75
C SER B 95 10.18 -30.52 -1.37
N ARG B 96 10.35 -30.31 -0.07
CA ARG B 96 11.23 -29.27 0.45
C ARG B 96 12.67 -29.44 -0.04
N GLN B 97 13.17 -30.67 0.00
CA GLN B 97 14.49 -30.98 -0.56
C GLN B 97 14.62 -30.68 -2.05
N GLU B 98 13.61 -31.00 -2.86
CA GLU B 98 13.61 -30.65 -4.27
C GLU B 98 13.71 -29.13 -4.46
N LEU B 99 12.90 -28.37 -3.71
CA LEU B 99 12.95 -26.92 -3.82
C LEU B 99 14.36 -26.42 -3.47
N ILE B 100 14.90 -26.92 -2.37
CA ILE B 100 16.20 -26.46 -1.88
C ILE B 100 17.30 -26.73 -2.92
N ALA B 101 17.19 -27.85 -3.62
CA ALA B 101 18.17 -28.21 -4.64
C ALA B 101 18.12 -27.26 -5.84
N LEU B 102 16.94 -26.67 -6.05
CA LEU B 102 16.71 -25.72 -7.14
C LEU B 102 17.14 -24.32 -6.74
N GLY B 103 17.54 -24.17 -5.48
CA GLY B 103 18.02 -22.89 -4.99
C GLY B 103 16.91 -22.10 -4.31
N ILE B 104 15.74 -22.70 -4.17
CA ILE B 104 14.60 -21.95 -3.64
C ILE B 104 14.67 -22.07 -2.13
N ARG B 105 14.59 -20.95 -1.42
CA ARG B 105 14.65 -20.99 0.03
C ARG B 105 13.29 -21.42 0.58
N VAL B 106 13.31 -22.43 1.45
CA VAL B 106 12.10 -22.97 2.08
C VAL B 106 12.35 -23.01 3.55
N GLU B 107 11.39 -22.50 4.32
CA GLU B 107 11.46 -22.55 5.79
C GLU B 107 11.43 -23.99 6.30
N GLU B 108 11.76 -24.18 7.57
CA GLU B 108 11.76 -25.52 8.17
C GLU B 108 10.32 -25.98 8.34
N VAL B 109 10.12 -27.29 8.35
CA VAL B 109 8.80 -27.89 8.52
C VAL B 109 8.17 -27.49 9.86
N ARG B 110 6.88 -27.19 9.82
CA ARG B 110 6.09 -27.09 11.04
C ARG B 110 4.77 -27.82 10.90
N TYR B 111 3.93 -27.78 11.92
CA TYR B 111 2.71 -28.55 11.91
C TYR B 111 1.46 -27.66 12.00
N ASP B 112 0.47 -27.95 11.15
CA ASP B 112 -0.83 -27.30 11.20
C ASP B 112 -1.45 -27.37 12.61
N ASP B 113 -1.89 -26.23 13.16
CA ASP B 113 -2.40 -26.23 14.53
C ASP B 113 -3.69 -27.01 14.73
N TYR B 114 -4.45 -27.21 13.67
CA TYR B 114 -5.77 -27.82 13.79
C TYR B 114 -5.85 -29.24 13.25
N THR B 115 -4.93 -29.63 12.38
CA THR B 115 -4.94 -30.97 11.82
C THR B 115 -3.64 -31.73 12.16
N GLY B 116 -2.62 -30.99 12.59
CA GLY B 116 -1.32 -31.57 12.92
C GLY B 116 -0.53 -32.05 11.71
N LYS B 117 -1.01 -31.73 10.50
CA LYS B 117 -0.32 -32.09 9.26
C LYS B 117 0.95 -31.24 9.07
N LYS B 118 2.02 -31.84 8.53
CA LYS B 118 3.26 -31.11 8.21
C LYS B 118 3.02 -30.09 7.09
N MET B 119 3.76 -29.00 7.12
CA MET B 119 3.65 -27.97 6.07
C MET B 119 4.97 -27.22 6.08
N ALA B 120 5.25 -26.50 4.99
CA ALA B 120 6.40 -25.61 4.97
C ALA B 120 6.14 -24.48 4.00
N PHE B 121 6.58 -23.30 4.39
CA PHE B 121 6.45 -22.12 3.56
C PHE B 121 7.67 -21.84 2.68
N PHE B 122 7.40 -21.39 1.47
CA PHE B 122 8.40 -20.75 0.62
C PHE B 122 7.72 -19.58 -0.08
N PHE B 123 8.44 -18.90 -0.97
CA PHE B 123 7.96 -17.63 -1.55
C PHE B 123 8.29 -17.50 -3.02
N ASP B 124 7.38 -16.89 -3.77
CA ASP B 124 7.68 -16.62 -5.18
C ASP B 124 8.60 -15.39 -5.28
N PRO B 125 9.03 -15.04 -6.50
CA PRO B 125 9.98 -13.95 -6.65
C PRO B 125 9.46 -12.59 -6.15
N ASP B 126 8.14 -12.47 -5.99
CA ASP B 126 7.54 -11.22 -5.48
C ASP B 126 7.06 -11.35 -4.04
N GLY B 127 7.49 -12.42 -3.37
CA GLY B 127 7.17 -12.63 -1.94
C GLY B 127 5.77 -13.15 -1.68
N LEU B 128 5.15 -13.72 -2.69
CA LEU B 128 3.86 -14.39 -2.51
C LEU B 128 4.12 -15.66 -1.68
N PRO B 129 3.50 -15.79 -0.47
CA PRO B 129 3.75 -16.98 0.33
C PRO B 129 3.09 -18.17 -0.30
N LEU B 130 3.87 -19.24 -0.45
CA LEU B 130 3.37 -20.47 -1.03
C LEU B 130 3.64 -21.53 0.01
N GLU B 131 2.79 -22.55 0.06
CA GLU B 131 2.90 -23.50 1.16
C GLU B 131 2.88 -24.92 0.59
N LEU B 132 3.73 -25.78 1.12
CA LEU B 132 3.64 -27.22 0.90
C LEU B 132 2.89 -27.81 2.07
N HIS B 133 1.97 -28.73 1.83
CA HIS B 133 1.09 -29.15 2.89
C HIS B 133 0.74 -30.61 2.68
N GLU B 134 0.83 -31.39 3.76
CA GLU B 134 0.45 -32.80 3.74
C GLU B 134 -1.07 -32.93 3.85
N LYS C 2 6.56 -31.60 -9.17
CA LYS C 2 5.35 -32.43 -8.88
C LYS C 2 4.43 -31.78 -7.84
N LEU C 3 3.98 -30.56 -8.11
CA LEU C 3 2.98 -29.93 -7.24
C LEU C 3 1.57 -30.31 -7.74
N LYS C 4 0.95 -31.26 -7.05
CA LYS C 4 -0.14 -32.09 -7.58
C LYS C 4 -1.44 -31.31 -7.76
N ALA C 5 -1.76 -30.57 -6.71
CA ALA C 5 -3.09 -30.00 -6.53
C ALA C 5 -2.92 -28.87 -5.54
N VAL C 6 -3.92 -28.01 -5.48
CA VAL C 6 -4.00 -27.02 -4.43
C VAL C 6 -4.58 -27.66 -3.16
N HIS C 7 -3.98 -27.35 -2.02
CA HIS C 7 -4.56 -27.77 -0.75
C HIS C 7 -5.57 -26.74 -0.22
N HIS C 8 -5.16 -25.48 -0.20
CA HIS C 8 -6.08 -24.46 0.22
C HIS C 8 -5.67 -23.11 -0.32
N VAL C 9 -6.61 -22.17 -0.24
CA VAL C 9 -6.38 -20.78 -0.62
C VAL C 9 -6.82 -19.97 0.57
N ALA C 10 -5.98 -19.04 1.00
CA ALA C 10 -6.29 -18.25 2.18
C ALA C 10 -6.63 -16.83 1.72
N LEU C 11 -7.52 -16.17 2.46
CA LEU C 11 -7.77 -14.75 2.23
C LEU C 11 -8.02 -14.03 3.54
N ILE C 12 -7.85 -12.72 3.49
CA ILE C 12 -8.00 -11.88 4.67
C ILE C 12 -9.22 -10.98 4.46
N VAL C 13 -9.99 -10.80 5.54
CA VAL C 13 -11.16 -9.92 5.50
C VAL C 13 -11.05 -8.87 6.62
N SER C 14 -11.79 -7.76 6.48
CA SER C 14 -11.78 -6.71 7.50
C SER C 14 -12.79 -6.99 8.63
N ASP C 15 -13.99 -7.41 8.26
CA ASP C 15 -15.06 -7.65 9.22
C ASP C 15 -15.44 -9.11 9.24
N TYR C 16 -14.97 -9.84 10.25
CA TYR C 16 -15.03 -11.30 10.22
C TYR C 16 -16.48 -11.78 10.17
N ASP C 17 -17.31 -11.24 11.04
CA ASP C 17 -18.75 -11.57 11.01
C ASP C 17 -19.45 -11.28 9.70
N LYS C 18 -19.23 -10.10 9.14
CA LYS C 18 -19.82 -9.76 7.84
C LYS C 18 -19.35 -10.67 6.70
N SER C 19 -18.08 -11.07 6.74
CA SER C 19 -17.58 -11.98 5.74
C SER C 19 -17.99 -13.43 5.99
N TYR C 20 -18.18 -13.83 7.25
CA TYR C 20 -18.80 -15.13 7.52
C TYR C 20 -20.16 -15.17 6.84
N GLU C 21 -21.06 -14.16 7.03
CA GLU C 21 -22.35 -14.04 6.35
C GLU C 21 -22.18 -14.18 4.83
N PHE C 22 -21.32 -13.49 4.31
CA PHE C 22 -21.13 -13.58 2.86
C PHE C 22 -20.77 -14.99 2.39
N TYR C 23 -19.65 -15.52 2.88
CA TYR C 23 -19.14 -16.78 2.38
C TYR C 23 -19.96 -17.99 2.81
N VAL C 24 -20.44 -17.98 4.05
CA VAL C 24 -21.15 -19.14 4.58
C VAL C 24 -22.63 -19.05 4.24
N ASN C 25 -23.30 -18.02 4.74
CA ASN C 25 -24.77 -17.97 4.62
C ASN C 25 -25.27 -17.54 3.23
N GLN C 26 -24.51 -16.71 2.53
CA GLN C 26 -24.92 -16.28 1.21
C GLN C 26 -24.41 -17.16 0.09
N LEU C 27 -23.09 -17.33 0.01
CA LEU C 27 -22.52 -18.18 -1.03
C LEU C 27 -22.71 -19.66 -0.73
N GLY C 28 -22.96 -20.01 0.52
CA GLY C 28 -23.36 -21.38 0.84
C GLY C 28 -22.21 -22.36 1.00
N PHE C 29 -21.02 -21.85 1.28
CA PHE C 29 -19.91 -22.74 1.58
C PHE C 29 -20.15 -23.38 2.94
N GLU C 30 -19.86 -24.67 3.01
CA GLU C 30 -19.90 -25.45 4.25
C GLU C 30 -18.69 -25.16 5.16
N VAL C 31 -18.94 -25.03 6.46
CA VAL C 31 -17.88 -24.82 7.45
C VAL C 31 -17.25 -26.16 7.84
N ILE C 32 -15.95 -26.32 7.61
CA ILE C 32 -15.19 -27.47 8.09
C ILE C 32 -14.76 -27.29 9.55
N ARG C 33 -14.13 -26.15 9.85
CA ARG C 33 -13.80 -25.81 11.21
C ARG C 33 -13.73 -24.29 11.38
N GLU C 34 -13.83 -23.85 12.63
CA GLU C 34 -13.71 -22.44 12.94
C GLU C 34 -12.97 -22.29 14.27
N ASN C 35 -11.94 -21.48 14.28
CA ASN C 35 -11.12 -21.35 15.48
C ASN C 35 -10.76 -19.91 15.78
N HIS C 36 -10.92 -19.53 17.04
CA HIS C 36 -10.30 -18.31 17.54
C HIS C 36 -8.83 -18.57 17.82
N ARG C 37 -7.98 -17.62 17.44
CA ARG C 37 -6.55 -17.70 17.68
C ARG C 37 -6.20 -16.53 18.60
N PRO C 38 -6.53 -16.66 19.89
CA PRO C 38 -6.59 -15.53 20.82
C PRO C 38 -5.30 -14.70 20.84
N LYS C 39 -4.16 -15.32 20.56
CA LYS C 39 -2.88 -14.61 20.58
C LYS C 39 -2.49 -13.95 19.26
N ARG C 40 -3.13 -14.35 18.16
CA ARG C 40 -2.99 -13.62 16.89
C ARG C 40 -4.11 -12.59 16.73
N HIS C 41 -4.94 -12.47 17.76
CA HIS C 41 -6.13 -11.61 17.70
C HIS C 41 -6.88 -11.78 16.40
N ASP C 42 -7.12 -13.01 15.99
CA ASP C 42 -7.95 -13.20 14.82
C ASP C 42 -8.61 -14.57 14.83
N TYR C 43 -9.38 -14.84 13.78
CA TYR C 43 -10.17 -16.06 13.68
C TYR C 43 -9.83 -16.71 12.36
N LYS C 44 -9.83 -18.04 12.35
CA LYS C 44 -9.57 -18.76 11.12
C LYS C 44 -10.79 -19.60 10.82
N LEU C 45 -11.39 -19.32 9.66
CA LEU C 45 -12.59 -20.02 9.22
C LEU C 45 -12.29 -20.87 8.00
N ASP C 46 -12.44 -22.19 8.11
CA ASP C 46 -12.10 -23.09 7.00
C ASP C 46 -13.36 -23.58 6.33
N LEU C 47 -13.50 -23.28 5.04
CA LEU C 47 -14.68 -23.64 4.24
C LEU C 47 -14.32 -24.66 3.20
N LYS C 48 -15.29 -25.52 2.86
CA LYS C 48 -15.11 -26.51 1.84
C LYS C 48 -15.52 -25.99 0.46
N CYS C 49 -14.61 -26.08 -0.50
CA CYS C 49 -14.96 -25.76 -1.87
C CYS C 49 -14.41 -26.84 -2.76
N GLY C 50 -15.25 -27.81 -3.08
CA GLY C 50 -14.76 -29.00 -3.76
C GLY C 50 -13.70 -29.63 -2.90
N ASP C 51 -12.59 -30.01 -3.51
CA ASP C 51 -11.50 -30.68 -2.81
C ASP C 51 -10.47 -29.72 -2.23
N ILE C 52 -10.74 -28.43 -2.23
CA ILE C 52 -9.83 -27.52 -1.54
C ILE C 52 -10.53 -26.80 -0.41
N GLU C 53 -9.75 -26.24 0.50
CA GLU C 53 -10.35 -25.43 1.55
C GLU C 53 -10.10 -23.97 1.24
N LEU C 54 -11.04 -23.11 1.63
CA LEU C 54 -10.84 -21.66 1.62
C LEU C 54 -10.63 -21.32 3.07
N GLU C 55 -9.50 -20.68 3.38
CA GLU C 55 -9.20 -20.25 4.73
C GLU C 55 -9.44 -18.76 4.83
N ILE C 56 -10.41 -18.37 5.63
CA ILE C 56 -10.71 -16.95 5.83
C ILE C 56 -10.16 -16.50 7.18
N PHE C 57 -9.32 -15.47 7.17
CA PHE C 57 -8.74 -14.90 8.38
C PHE C 57 -9.30 -13.51 8.56
N GLY C 58 -9.71 -13.18 9.77
CA GLY C 58 -10.16 -11.82 10.04
C GLY C 58 -10.44 -11.64 11.51
N ASN C 59 -10.59 -10.41 11.97
CA ASN C 59 -10.99 -10.22 13.36
C ASN C 59 -12.39 -9.63 13.43
N LYS C 60 -13.04 -9.76 14.58
CA LYS C 60 -14.38 -9.19 14.77
C LYS C 60 -14.26 -7.78 15.32
N LEU C 61 -15.13 -6.89 14.83
CA LEU C 61 -15.10 -5.48 15.17
C LEU C 61 -15.26 -5.28 16.68
N THR C 62 -15.92 -6.23 17.34
CA THR C 62 -16.15 -6.16 18.79
C THR C 62 -14.91 -6.56 19.63
N ASP C 63 -13.86 -7.07 18.99
CA ASP C 63 -12.64 -7.52 19.71
C ASP C 63 -11.95 -6.40 20.51
N SER C 64 -11.25 -6.83 21.56
CA SER C 64 -10.52 -5.92 22.45
C SER C 64 -9.47 -5.16 21.64
N ASN C 65 -8.76 -5.89 20.79
CA ASN C 65 -7.65 -5.35 20.01
C ASN C 65 -7.94 -5.40 18.51
N TYR C 66 -9.07 -4.85 18.10
CA TYR C 66 -9.42 -4.82 16.67
C TYR C 66 -8.60 -3.78 15.92
N CYS C 67 -7.96 -4.22 14.84
CA CYS C 67 -7.19 -3.32 13.98
C CYS C 67 -7.52 -3.72 12.56
N ALA C 68 -8.26 -2.89 11.84
CA ALA C 68 -8.58 -3.19 10.43
C ALA C 68 -7.32 -3.50 9.57
N PRO C 69 -7.39 -4.53 8.71
CA PRO C 69 -6.26 -4.73 7.80
C PRO C 69 -6.25 -3.59 6.74
N PRO C 70 -5.11 -3.41 6.06
CA PRO C 70 -5.13 -2.45 4.94
C PRO C 70 -6.14 -2.84 3.88
N GLU C 71 -6.65 -1.85 3.15
CA GLU C 71 -7.54 -2.14 2.04
C GLU C 71 -6.77 -2.77 0.87
N ARG C 72 -7.45 -3.66 0.16
CA ARG C 72 -6.91 -4.24 -1.07
C ARG C 72 -6.60 -3.13 -2.07
N ILE C 73 -5.46 -3.23 -2.73
CA ILE C 73 -5.09 -2.24 -3.76
C ILE C 73 -5.77 -2.62 -5.08
N SER C 74 -6.60 -1.71 -5.60
CA SER C 74 -7.31 -1.92 -6.87
C SER C 74 -6.85 -1.00 -8.01
N TRP C 75 -6.51 0.25 -7.66
CA TRP C 75 -6.32 1.32 -8.65
C TRP C 75 -5.19 2.27 -8.20
N PRO C 76 -4.36 2.72 -9.15
CA PRO C 76 -4.43 2.42 -10.58
C PRO C 76 -4.06 0.98 -10.94
N ARG C 77 -3.23 0.33 -10.11
CA ARG C 77 -2.71 -1.00 -10.42
C ARG C 77 -2.81 -1.93 -9.22
N GLU C 78 -3.35 -3.13 -9.42
CA GLU C 78 -3.31 -4.15 -8.35
C GLU C 78 -1.86 -4.54 -8.05
N ALA C 79 -1.59 -4.91 -6.79
CA ALA C 79 -0.21 -5.24 -6.39
C ALA C 79 0.14 -6.64 -6.83
N CYS C 80 1.43 -6.98 -6.71
CA CYS C 80 1.92 -8.35 -6.83
C CYS C 80 1.26 -9.25 -5.82
N GLY C 81 1.00 -10.48 -6.26
CA GLY C 81 0.49 -11.50 -5.36
C GLY C 81 -0.78 -12.11 -5.89
N LEU C 82 -1.53 -12.77 -5.02
CA LEU C 82 -2.77 -13.39 -5.48
C LEU C 82 -3.82 -12.34 -5.80
N ARG C 83 -4.53 -12.50 -6.91
CA ARG C 83 -5.32 -11.41 -7.47
C ARG C 83 -6.79 -11.69 -7.33
N HIS C 84 -7.26 -12.80 -7.88
CA HIS C 84 -8.67 -13.14 -7.77
C HIS C 84 -8.90 -14.64 -7.85
N LEU C 85 -10.13 -15.04 -7.58
CA LEU C 85 -10.48 -16.45 -7.39
C LEU C 85 -11.74 -16.69 -8.20
N ALA C 86 -11.75 -17.75 -9.00
CA ALA C 86 -12.90 -18.04 -9.87
C ALA C 86 -13.45 -19.40 -9.47
N PHE C 87 -14.78 -19.51 -9.46
CA PHE C 87 -15.41 -20.79 -9.17
C PHE C 87 -16.08 -21.37 -10.41
N TYR C 88 -16.00 -22.68 -10.55
CA TYR C 88 -16.78 -23.44 -11.51
C TYR C 88 -18.26 -23.50 -11.14
N VAL C 89 -19.12 -23.07 -12.06
CA VAL C 89 -20.56 -23.33 -11.94
C VAL C 89 -21.06 -23.97 -13.22
N GLU C 90 -22.18 -24.67 -13.10
CA GLU C 90 -22.84 -25.26 -14.26
C GLU C 90 -23.45 -24.20 -15.17
N ASP C 91 -24.10 -23.22 -14.57
CA ASP C 91 -24.86 -22.20 -15.28
C ASP C 91 -24.58 -20.82 -14.71
N VAL C 92 -23.71 -20.08 -15.39
CA VAL C 92 -23.32 -18.74 -14.97
C VAL C 92 -24.55 -17.83 -14.90
N GLU C 93 -25.42 -17.94 -15.90
CA GLU C 93 -26.59 -17.06 -15.98
C GLU C 93 -27.42 -17.21 -14.72
N ALA C 94 -27.80 -18.45 -14.43
CA ALA C 94 -28.62 -18.79 -13.28
C ALA C 94 -27.95 -18.42 -11.96
N SER C 95 -26.67 -18.78 -11.84
CA SER C 95 -25.88 -18.44 -10.66
C SER C 95 -25.84 -16.94 -10.42
N ARG C 96 -25.65 -16.18 -11.49
CA ARG C 96 -25.56 -14.73 -11.38
C ARG C 96 -26.88 -14.19 -10.85
N GLN C 97 -27.97 -14.75 -11.34
CA GLN C 97 -29.30 -14.36 -10.89
C GLN C 97 -29.54 -14.67 -9.40
N GLU C 98 -29.00 -15.80 -8.93
CA GLU C 98 -29.08 -16.15 -7.51
C GLU C 98 -28.29 -15.15 -6.66
N LEU C 99 -27.06 -14.85 -7.06
CA LEU C 99 -26.27 -13.85 -6.34
C LEU C 99 -26.97 -12.49 -6.33
N ILE C 100 -27.46 -12.05 -7.48
CA ILE C 100 -28.20 -10.79 -7.60
C ILE C 100 -29.36 -10.71 -6.62
N ALA C 101 -30.12 -11.80 -6.51
CA ALA C 101 -31.29 -11.86 -5.63
C ALA C 101 -30.91 -11.94 -4.15
N LEU C 102 -29.64 -12.22 -3.87
CA LEU C 102 -29.14 -12.18 -2.50
C LEU C 102 -28.57 -10.81 -2.17
N GLY C 103 -28.56 -9.93 -3.15
CA GLY C 103 -28.10 -8.57 -2.93
C GLY C 103 -26.64 -8.39 -3.27
N ILE C 104 -26.06 -9.41 -3.91
CA ILE C 104 -24.68 -9.34 -4.32
C ILE C 104 -24.63 -8.81 -5.75
N ARG C 105 -23.91 -7.72 -5.95
CA ARG C 105 -23.83 -7.14 -7.28
C ARG C 105 -22.91 -7.94 -8.20
N VAL C 106 -23.47 -8.41 -9.31
CA VAL C 106 -22.70 -9.16 -10.29
C VAL C 106 -22.61 -8.35 -11.58
N GLU C 107 -21.42 -8.27 -12.16
CA GLU C 107 -21.27 -7.62 -13.47
C GLU C 107 -21.90 -8.44 -14.60
N GLU C 108 -21.92 -7.88 -15.80
CA GLU C 108 -22.57 -8.54 -16.91
C GLU C 108 -21.84 -9.80 -17.35
N VAL C 109 -22.62 -10.82 -17.71
CA VAL C 109 -22.11 -12.03 -18.36
C VAL C 109 -21.33 -11.75 -19.65
N ARG C 110 -20.10 -12.25 -19.72
CA ARG C 110 -19.28 -12.19 -20.92
C ARG C 110 -18.54 -13.51 -21.18
N TYR C 111 -17.72 -13.53 -22.23
CA TYR C 111 -17.06 -14.75 -22.68
C TYR C 111 -15.54 -14.69 -22.50
N ASP C 112 -14.98 -15.77 -21.98
CA ASP C 112 -13.54 -15.97 -21.97
C ASP C 112 -13.03 -15.99 -23.41
N ASP C 113 -12.32 -14.93 -23.81
CA ASP C 113 -11.78 -14.82 -25.15
C ASP C 113 -10.99 -16.04 -25.60
N TYR C 114 -10.29 -16.69 -24.67
CA TYR C 114 -9.43 -17.82 -25.04
C TYR C 114 -10.13 -19.17 -25.13
N THR C 115 -11.24 -19.34 -24.41
CA THR C 115 -11.87 -20.65 -24.28
C THR C 115 -13.33 -20.63 -24.76
N GLY C 116 -13.89 -19.43 -24.85
CA GLY C 116 -15.27 -19.27 -25.28
C GLY C 116 -16.30 -19.73 -24.26
N LYS C 117 -15.96 -19.60 -22.98
CA LYS C 117 -16.82 -20.09 -21.90
C LYS C 117 -17.38 -18.88 -21.15
N LYS C 118 -18.65 -18.95 -20.76
CA LYS C 118 -19.28 -17.90 -19.97
C LYS C 118 -18.57 -17.66 -18.63
N MET C 119 -18.64 -16.43 -18.15
CA MET C 119 -18.03 -16.03 -16.89
C MET C 119 -18.65 -14.70 -16.45
N ALA C 120 -18.71 -14.49 -15.14
CA ALA C 120 -19.13 -13.18 -14.60
C ALA C 120 -18.43 -12.86 -13.29
N PHE C 121 -18.00 -11.60 -13.15
CA PHE C 121 -17.32 -11.10 -11.95
C PHE C 121 -18.26 -10.55 -10.88
N PHE C 122 -17.89 -10.76 -9.63
CA PHE C 122 -18.60 -10.16 -8.50
C PHE C 122 -17.54 -10.03 -7.41
N PHE C 123 -17.91 -9.45 -6.28
CA PHE C 123 -16.91 -8.97 -5.31
C PHE C 123 -17.35 -9.33 -3.89
N ASP C 124 -16.39 -9.65 -3.03
CA ASP C 124 -16.71 -9.86 -1.63
C ASP C 124 -16.76 -8.54 -0.89
N PRO C 125 -17.15 -8.57 0.39
CA PRO C 125 -17.38 -7.32 1.09
C PRO C 125 -16.16 -6.41 1.11
N ASP C 126 -14.97 -6.96 0.95
CA ASP C 126 -13.75 -6.15 0.94
C ASP C 126 -13.21 -5.87 -0.47
N GLY C 127 -14.02 -6.12 -1.48
CA GLY C 127 -13.62 -5.81 -2.84
C GLY C 127 -12.76 -6.88 -3.51
N LEU C 128 -12.67 -8.06 -2.91
CA LEU C 128 -11.96 -9.14 -3.56
C LEU C 128 -12.72 -9.58 -4.80
N PRO C 129 -12.07 -9.58 -5.98
CA PRO C 129 -12.82 -10.02 -7.15
C PRO C 129 -12.99 -11.53 -7.18
N LEU C 130 -14.22 -11.96 -7.39
CA LEU C 130 -14.58 -13.35 -7.47
C LEU C 130 -15.25 -13.54 -8.81
N GLU C 131 -15.14 -14.73 -9.36
CA GLU C 131 -15.61 -14.99 -10.72
C GLU C 131 -16.40 -16.29 -10.76
N LEU C 132 -17.53 -16.27 -11.47
CA LEU C 132 -18.29 -17.47 -11.84
C LEU C 132 -17.86 -17.81 -13.24
N HIS C 133 -17.66 -19.09 -13.53
CA HIS C 133 -16.99 -19.48 -14.77
C HIS C 133 -17.52 -20.85 -15.13
N GLU C 134 -17.95 -21.00 -16.38
CA GLU C 134 -18.44 -22.28 -16.86
C GLU C 134 -17.27 -23.11 -17.38
N LYS D 2 21.96 20.38 14.39
CA LYS D 2 21.50 21.81 14.45
C LYS D 2 20.56 22.17 13.30
N LEU D 3 19.37 21.58 13.30
CA LEU D 3 18.47 21.66 12.17
C LEU D 3 17.61 22.93 12.30
N LYS D 4 17.99 23.96 11.56
CA LYS D 4 17.63 25.35 11.87
C LYS D 4 16.23 25.65 11.34
N ALA D 5 15.92 25.07 10.20
CA ALA D 5 14.83 25.56 9.40
C ALA D 5 14.58 24.53 8.33
N VAL D 6 13.34 24.43 7.89
CA VAL D 6 13.01 23.60 6.75
C VAL D 6 13.52 24.26 5.50
N HIS D 7 14.04 23.45 4.59
CA HIS D 7 14.56 23.98 3.34
C HIS D 7 13.50 23.84 2.27
N HIS D 8 12.91 22.65 2.21
CA HIS D 8 11.81 22.41 1.30
C HIS D 8 11.06 21.15 1.72
N VAL D 9 9.84 21.03 1.22
CA VAL D 9 9.00 19.87 1.41
C VAL D 9 8.66 19.36 0.01
N ALA D 10 8.81 18.07 -0.21
CA ALA D 10 8.52 17.52 -1.51
C ALA D 10 7.24 16.69 -1.49
N LEU D 11 6.59 16.62 -2.65
CA LEU D 11 5.40 15.81 -2.78
C LEU D 11 5.29 15.20 -4.17
N ILE D 12 4.58 14.07 -4.24
CA ILE D 12 4.35 13.37 -5.49
C ILE D 12 2.92 13.55 -5.96
N VAL D 13 2.77 13.71 -7.28
CA VAL D 13 1.44 13.83 -7.87
C VAL D 13 1.29 12.86 -9.07
N SER D 14 0.07 12.51 -9.40
CA SER D 14 -0.19 11.49 -10.43
C SER D 14 -0.32 12.13 -11.81
N ASP D 15 -1.08 13.22 -11.88
CA ASP D 15 -1.25 13.99 -13.13
C ASP D 15 -0.57 15.36 -13.03
N TYR D 16 0.62 15.49 -13.62
CA TYR D 16 1.42 16.70 -13.42
C TYR D 16 0.68 17.97 -13.86
N ASP D 17 -0.05 17.90 -14.98
CA ASP D 17 -0.79 19.06 -15.46
C ASP D 17 -1.87 19.51 -14.50
N LYS D 18 -2.73 18.58 -14.10
CA LYS D 18 -3.87 18.90 -13.22
C LYS D 18 -3.37 19.44 -11.88
N SER D 19 -2.26 18.90 -11.41
CA SER D 19 -1.66 19.40 -10.17
C SER D 19 -0.98 20.74 -10.32
N TYR D 20 -0.32 20.97 -11.45
CA TYR D 20 0.23 22.30 -11.76
C TYR D 20 -0.90 23.33 -11.66
N GLU D 21 -2.04 23.04 -12.28
CA GLU D 21 -3.19 23.94 -12.26
C GLU D 21 -3.67 24.22 -10.83
N PHE D 22 -3.67 23.18 -10.00
CA PHE D 22 -4.07 23.33 -8.61
C PHE D 22 -3.09 24.20 -7.83
N TYR D 23 -1.80 23.83 -7.82
CA TYR D 23 -0.84 24.48 -6.94
C TYR D 23 -0.49 25.90 -7.40
N VAL D 24 -0.32 26.07 -8.70
CA VAL D 24 0.12 27.36 -9.25
C VAL D 24 -1.08 28.30 -9.50
N ASN D 25 -2.06 27.83 -10.25
CA ASN D 25 -3.14 28.70 -10.79
C ASN D 25 -4.28 28.89 -9.82
N GLN D 26 -4.61 27.82 -9.09
CA GLN D 26 -5.65 27.94 -8.09
C GLN D 26 -5.12 28.43 -6.75
N LEU D 27 -4.09 27.77 -6.21
CA LEU D 27 -3.59 28.14 -4.89
C LEU D 27 -2.68 29.37 -4.97
N GLY D 28 -2.24 29.72 -6.17
CA GLY D 28 -1.49 30.95 -6.37
C GLY D 28 -0.02 30.95 -6.00
N PHE D 29 0.58 29.77 -5.83
CA PHE D 29 1.99 29.73 -5.49
C PHE D 29 2.82 30.23 -6.64
N GLU D 30 3.80 31.03 -6.30
CA GLU D 30 4.79 31.49 -7.28
C GLU D 30 5.80 30.40 -7.69
N VAL D 31 6.04 30.28 -8.99
CA VAL D 31 7.01 29.32 -9.54
C VAL D 31 8.46 29.81 -9.50
N ILE D 32 9.34 29.04 -8.85
CA ILE D 32 10.75 29.38 -8.78
C ILE D 32 11.45 28.75 -9.97
N ARG D 33 11.29 27.44 -10.13
CA ARG D 33 11.77 26.76 -11.32
C ARG D 33 10.91 25.58 -11.70
N GLU D 34 11.09 25.14 -12.93
CA GLU D 34 10.42 23.97 -13.44
C GLU D 34 11.35 23.25 -14.38
N ASN D 35 11.62 21.98 -14.10
CA ASN D 35 12.61 21.24 -14.86
C ASN D 35 12.10 19.86 -15.29
N HIS D 36 12.31 19.51 -16.55
CA HIS D 36 12.07 18.13 -17.00
C HIS D 36 13.27 17.27 -16.67
N ARG D 37 13.04 16.18 -15.94
CA ARG D 37 14.10 15.23 -15.69
C ARG D 37 13.89 13.98 -16.54
N PRO D 38 14.40 14.01 -17.79
CA PRO D 38 13.92 13.14 -18.87
C PRO D 38 14.19 11.66 -18.56
N LYS D 39 15.34 11.38 -17.95
CA LYS D 39 15.70 10.04 -17.54
C LYS D 39 15.33 9.80 -16.08
N ARG D 40 14.21 10.38 -15.67
CA ARG D 40 13.55 10.09 -14.42
C ARG D 40 12.08 9.79 -14.71
N HIS D 41 11.67 10.02 -15.95
CA HIS D 41 10.27 10.08 -16.31
C HIS D 41 9.53 11.02 -15.32
N ASP D 42 10.13 12.21 -15.11
CA ASP D 42 9.74 13.12 -14.01
C ASP D 42 9.79 14.58 -14.48
N TYR D 43 8.88 15.41 -13.94
CA TYR D 43 9.07 16.87 -13.87
C TYR D 43 9.25 17.29 -12.41
N LYS D 44 10.13 18.26 -12.15
CA LYS D 44 10.30 18.84 -10.81
C LYS D 44 9.85 20.29 -10.86
N LEU D 45 8.82 20.62 -10.07
CA LEU D 45 8.22 21.95 -10.04
C LEU D 45 8.47 22.57 -8.67
N ASP D 46 9.20 23.69 -8.65
CA ASP D 46 9.64 24.30 -7.41
C ASP D 46 8.87 25.58 -7.14
N LEU D 47 8.10 25.58 -6.06
CA LEU D 47 7.20 26.69 -5.70
C LEU D 47 7.69 27.39 -4.44
N LYS D 48 7.44 28.70 -4.36
CA LYS D 48 7.82 29.44 -3.18
C LYS D 48 6.67 29.47 -2.18
N CYS D 49 6.97 29.11 -0.94
CA CYS D 49 6.03 29.25 0.15
C CYS D 49 6.71 29.86 1.38
N GLY D 50 6.49 31.15 1.61
CA GLY D 50 7.32 31.90 2.58
C GLY D 50 8.80 31.70 2.29
N ASP D 51 9.53 31.21 3.28
CA ASP D 51 10.98 30.99 3.13
C ASP D 51 11.38 29.55 2.88
N ILE D 52 10.43 28.73 2.48
CA ILE D 52 10.77 27.39 2.03
C ILE D 52 10.29 27.17 0.61
N GLU D 53 10.74 26.07 -0.01
CA GLU D 53 10.25 25.70 -1.32
C GLU D 53 9.36 24.48 -1.19
N LEU D 54 8.34 24.40 -2.05
CA LEU D 54 7.57 23.16 -2.24
C LEU D 54 8.00 22.53 -3.56
N GLU D 55 8.45 21.28 -3.52
CA GLU D 55 8.87 20.61 -4.72
C GLU D 55 7.80 19.62 -5.09
N ILE D 56 7.21 19.84 -6.25
CA ILE D 56 6.20 18.95 -6.74
C ILE D 56 6.77 18.08 -7.84
N PHE D 57 6.66 16.76 -7.65
CA PHE D 57 7.20 15.79 -8.62
C PHE D 57 6.07 15.06 -9.30
N GLY D 58 6.13 14.95 -10.61
CA GLY D 58 5.04 14.31 -11.28
C GLY D 58 5.37 14.08 -12.74
N ASN D 59 4.57 13.24 -13.36
CA ASN D 59 4.63 13.05 -14.82
C ASN D 59 3.34 13.43 -15.51
N LYS D 60 3.47 13.82 -16.77
CA LYS D 60 2.32 14.16 -17.58
C LYS D 60 1.76 12.87 -18.16
N LEU D 61 0.44 12.77 -18.24
CA LEU D 61 -0.23 11.56 -18.70
C LEU D 61 0.18 11.23 -20.13
N THR D 62 0.64 12.26 -20.84
CA THR D 62 0.96 12.11 -22.26
C THR D 62 2.39 11.59 -22.46
N ASP D 63 3.20 11.61 -21.40
CA ASP D 63 4.56 11.13 -21.52
C ASP D 63 4.52 9.68 -22.00
N SER D 64 5.45 9.32 -22.89
CA SER D 64 5.45 7.96 -23.44
C SER D 64 5.75 6.91 -22.35
N ASN D 65 6.51 7.29 -21.32
CA ASN D 65 6.83 6.39 -20.21
C ASN D 65 6.00 6.63 -18.95
N TYR D 66 4.73 6.97 -19.10
CA TYR D 66 3.89 7.29 -17.97
C TYR D 66 3.48 6.06 -17.19
N CYS D 67 3.73 6.10 -15.89
CA CYS D 67 3.24 5.08 -14.95
C CYS D 67 2.70 5.83 -13.74
N ALA D 68 1.39 5.73 -13.51
CA ALA D 68 0.78 6.37 -12.34
C ALA D 68 1.32 5.84 -11.01
N PRO D 69 1.72 6.76 -10.11
CA PRO D 69 2.16 6.33 -8.79
C PRO D 69 1.01 5.69 -8.02
N PRO D 70 1.34 4.88 -7.00
CA PRO D 70 0.24 4.32 -6.22
C PRO D 70 -0.58 5.45 -5.60
N GLU D 71 -1.86 5.20 -5.36
CA GLU D 71 -2.67 6.17 -4.64
C GLU D 71 -2.20 6.31 -3.20
N ARG D 72 -2.38 7.50 -2.63
CA ARG D 72 -2.09 7.70 -1.21
C ARG D 72 -2.99 6.80 -0.36
N ILE D 73 -2.43 6.25 0.71
CA ILE D 73 -3.22 5.45 1.66
C ILE D 73 -3.92 6.36 2.65
N SER D 74 -5.25 6.27 2.69
CA SER D 74 -6.06 7.09 3.56
C SER D 74 -6.95 6.30 4.51
N TRP D 75 -7.33 5.09 4.13
CA TRP D 75 -8.29 4.33 4.93
C TRP D 75 -7.94 2.84 4.89
N PRO D 76 -8.09 2.14 6.01
CA PRO D 76 -8.57 2.63 7.33
C PRO D 76 -7.57 3.51 8.14
N ARG D 77 -6.27 3.37 7.87
CA ARG D 77 -5.21 4.15 8.55
C ARG D 77 -4.20 4.69 7.52
N GLU D 78 -3.77 5.94 7.67
CA GLU D 78 -2.70 6.46 6.84
C GLU D 78 -1.40 5.76 7.18
N ALA D 79 -0.51 5.70 6.20
CA ALA D 79 0.80 5.08 6.36
C ALA D 79 1.74 5.93 7.20
N CYS D 80 2.81 5.30 7.67
CA CYS D 80 3.96 6.01 8.19
C CYS D 80 4.46 7.02 7.14
N GLY D 81 5.07 8.08 7.63
CA GLY D 81 5.70 9.07 6.73
C GLY D 81 4.92 10.39 6.74
N LEU D 82 5.25 11.31 5.84
CA LEU D 82 4.66 12.64 5.91
C LEU D 82 3.17 12.55 5.61
N ARG D 83 2.39 13.24 6.44
CA ARG D 83 0.98 13.01 6.53
C ARG D 83 0.22 14.17 5.86
N HIS D 84 0.40 15.39 6.34
CA HIS D 84 -0.29 16.53 5.69
C HIS D 84 0.44 17.83 5.97
N LEU D 85 0.08 18.86 5.22
CA LEU D 85 0.80 20.11 5.18
C LEU D 85 -0.18 21.22 5.45
N ALA D 86 0.16 22.13 6.36
CA ALA D 86 -0.74 23.20 6.74
C ALA D 86 -0.06 24.51 6.38
N PHE D 87 -0.85 25.44 5.86
CA PHE D 87 -0.35 26.75 5.49
C PHE D 87 -0.91 27.78 6.45
N TYR D 88 -0.10 28.78 6.74
CA TYR D 88 -0.48 29.83 7.65
C TYR D 88 -1.23 30.91 6.85
N VAL D 89 -2.41 31.28 7.32
CA VAL D 89 -3.16 32.37 6.66
C VAL D 89 -3.66 33.36 7.73
N GLU D 90 -4.04 34.55 7.27
CA GLU D 90 -4.59 35.56 8.19
C GLU D 90 -6.05 35.32 8.53
N ASP D 91 -6.80 34.76 7.60
CA ASP D 91 -8.24 34.63 7.72
C ASP D 91 -8.67 33.30 7.14
N VAL D 92 -8.79 32.28 7.99
CA VAL D 92 -9.22 30.97 7.52
C VAL D 92 -10.59 31.03 6.80
N GLU D 93 -11.52 31.74 7.40
CA GLU D 93 -12.87 31.87 6.82
C GLU D 93 -12.83 32.45 5.40
N ALA D 94 -12.07 33.55 5.22
CA ALA D 94 -11.97 34.21 3.91
C ALA D 94 -11.21 33.39 2.86
N SER D 95 -10.11 32.74 3.27
CA SER D 95 -9.35 31.87 2.38
C SER D 95 -10.17 30.65 1.98
N ARG D 96 -10.91 30.14 2.97
CA ARG D 96 -11.90 29.12 2.74
C ARG D 96 -12.91 29.55 1.66
N GLN D 97 -13.44 30.76 1.78
CA GLN D 97 -14.39 31.24 0.76
C GLN D 97 -13.71 31.35 -0.60
N GLU D 98 -12.48 31.88 -0.62
CA GLU D 98 -11.73 31.99 -1.88
C GLU D 98 -11.60 30.62 -2.54
N LEU D 99 -11.23 29.62 -1.75
CA LEU D 99 -11.05 28.28 -2.32
C LEU D 99 -12.35 27.81 -2.94
N ILE D 100 -13.41 27.90 -2.16
CA ILE D 100 -14.75 27.51 -2.59
C ILE D 100 -15.16 28.23 -3.88
N ALA D 101 -14.88 29.53 -3.97
CA ALA D 101 -15.12 30.27 -5.20
C ALA D 101 -14.39 29.67 -6.40
N LEU D 102 -13.20 29.10 -6.15
CA LEU D 102 -12.42 28.45 -7.21
C LEU D 102 -12.90 27.04 -7.52
N GLY D 103 -13.94 26.61 -6.81
CA GLY D 103 -14.49 25.28 -7.03
C GLY D 103 -13.82 24.20 -6.20
N ILE D 104 -12.95 24.60 -5.27
CA ILE D 104 -12.26 23.63 -4.40
C ILE D 104 -13.10 23.42 -3.13
N ARG D 105 -13.35 22.18 -2.76
CA ARG D 105 -14.14 21.98 -1.54
C ARG D 105 -13.30 22.04 -0.28
N VAL D 106 -13.80 22.78 0.71
CA VAL D 106 -13.11 22.92 1.98
C VAL D 106 -14.07 22.53 3.09
N GLU D 107 -13.59 21.68 4.01
CA GLU D 107 -14.38 21.24 5.15
C GLU D 107 -14.62 22.38 6.12
N GLU D 108 -15.53 22.16 7.06
CA GLU D 108 -15.96 23.25 7.93
C GLU D 108 -14.81 23.68 8.83
N VAL D 109 -14.85 24.95 9.22
CA VAL D 109 -13.88 25.53 10.10
C VAL D 109 -13.86 24.81 11.44
N ARG D 110 -12.66 24.41 11.86
CA ARG D 110 -12.47 23.76 13.14
C ARG D 110 -11.42 24.55 13.93
N TYR D 111 -11.23 24.15 15.18
CA TYR D 111 -10.26 24.83 16.01
C TYR D 111 -9.08 23.94 16.38
N ASP D 112 -7.86 24.47 16.21
CA ASP D 112 -6.67 23.77 16.70
C ASP D 112 -6.90 23.27 18.13
N ASP D 113 -6.62 22.01 18.38
CA ASP D 113 -6.88 21.43 19.69
C ASP D 113 -6.13 22.13 20.82
N TYR D 114 -4.97 22.73 20.54
CA TYR D 114 -4.11 23.21 21.62
C TYR D 114 -3.85 24.68 21.64
N THR D 115 -4.15 25.37 20.54
CA THR D 115 -4.00 26.81 20.50
C THR D 115 -5.33 27.51 20.33
N GLY D 116 -6.33 26.76 19.89
CA GLY D 116 -7.63 27.34 19.59
C GLY D 116 -7.75 28.07 18.26
N LYS D 117 -6.65 28.20 17.51
CA LYS D 117 -6.66 28.95 16.26
C LYS D 117 -7.55 28.28 15.24
N LYS D 118 -8.21 29.09 14.40
CA LYS D 118 -9.09 28.55 13.35
C LYS D 118 -8.27 27.78 12.31
N MET D 119 -8.85 26.71 11.76
CA MET D 119 -8.20 25.97 10.70
C MET D 119 -9.24 25.22 9.88
N ALA D 120 -8.86 24.78 8.69
CA ALA D 120 -9.78 24.07 7.80
C ALA D 120 -9.01 23.23 6.82
N PHE D 121 -9.46 21.99 6.62
CA PHE D 121 -8.85 21.07 5.69
C PHE D 121 -9.48 21.15 4.30
N PHE D 122 -8.62 21.00 3.31
CA PHE D 122 -9.01 20.79 1.90
C PHE D 122 -7.99 19.82 1.26
N PHE D 123 -8.24 19.39 0.02
CA PHE D 123 -7.46 18.26 -0.55
C PHE D 123 -6.95 18.58 -1.92
N ASP D 124 -5.71 18.19 -2.20
CA ASP D 124 -5.16 18.32 -3.56
C ASP D 124 -5.75 17.21 -4.43
N PRO D 125 -5.49 17.25 -5.74
CA PRO D 125 -6.24 16.37 -6.65
C PRO D 125 -6.05 14.88 -6.36
N ASP D 126 -4.94 14.55 -5.69
CA ASP D 126 -4.61 13.16 -5.30
C ASP D 126 -4.96 12.85 -3.85
N GLY D 127 -5.77 13.71 -3.26
CA GLY D 127 -6.29 13.50 -1.92
C GLY D 127 -5.33 13.84 -0.79
N LEU D 128 -4.27 14.60 -1.11
CA LEU D 128 -3.31 15.04 -0.08
C LEU D 128 -4.00 16.04 0.82
N PRO D 129 -4.05 15.77 2.14
CA PRO D 129 -4.75 16.69 3.05
C PRO D 129 -3.92 17.96 3.25
N LEU D 130 -4.52 19.10 2.90
CA LEU D 130 -3.87 20.38 3.11
C LEU D 130 -4.69 21.13 4.12
N GLU D 131 -4.08 22.08 4.81
CA GLU D 131 -4.78 22.73 5.88
C GLU D 131 -4.57 24.24 5.79
N LEU D 132 -5.64 25.00 5.99
CA LEU D 132 -5.47 26.44 6.27
C LEU D 132 -5.46 26.64 7.77
N HIS D 133 -4.56 27.48 8.29
CA HIS D 133 -4.39 27.52 9.74
C HIS D 133 -4.04 28.96 10.13
N GLU D 134 -4.75 29.51 11.11
CA GLU D 134 -4.49 30.88 11.56
C GLU D 134 -3.45 30.92 12.66
#